data_6TJT
#
_entry.id   6TJT
#
_cell.length_a   38.240
_cell.length_b   76.544
_cell.length_c   63.357
_cell.angle_alpha   90.000
_cell.angle_beta   96.059
_cell.angle_gamma   90.000
#
_symmetry.space_group_name_H-M   'P 1 21 1'
#
loop_
_entity.id
_entity.type
_entity.pdbx_description
1 polymer Neuropilin-2
2 polymer 'VEGFC C terminal peptide'
3 non-polymer 'SULFATE ION'
4 non-polymer 1,2-ETHANEDIOL
5 water water
#
loop_
_entity_poly.entity_id
_entity_poly.type
_entity_poly.pdbx_seq_one_letter_code
_entity_poly.pdbx_strand_id
1 'polypeptide(L)'
;GHMFQCNVPLGMESGRIANEQISASSTYSDGRWTPQQSRLHGDDNGWTPNLDSNKEYLQVDLRFLTMLTAIATQGAISRE
TQNGYYVKSYKLEVSTNGEDWMVYRHGKNHKVFQANNDATEVVLNKLHAPLLTRFVRIRPQTWHSGIALRLELFGCRVTS
GS
;
A,B
2 'polypeptide(L)' (ACE)SIIRR D,F
#
# COMPACT_ATOMS: atom_id res chain seq x y z
N HIS A 2 30.03 -18.07 -2.79
CA HIS A 2 28.75 -18.29 -2.10
C HIS A 2 27.72 -18.96 -3.01
N MET A 3 27.13 -20.04 -2.51
CA MET A 3 26.06 -20.72 -3.22
C MET A 3 24.73 -20.22 -2.69
N PHE A 4 24.01 -19.47 -3.53
CA PHE A 4 22.69 -18.96 -3.16
C PHE A 4 21.68 -20.08 -3.40
N GLN A 5 21.20 -20.69 -2.30
CA GLN A 5 20.20 -21.75 -2.40
C GLN A 5 18.82 -21.17 -2.11
N CYS A 6 18.37 -20.37 -3.07
CA CYS A 6 17.22 -19.49 -2.87
C CYS A 6 16.05 -19.91 -3.75
N ASN A 7 15.85 -21.21 -3.87
CA ASN A 7 14.74 -21.79 -4.60
C ASN A 7 13.61 -22.24 -3.68
N VAL A 8 13.52 -21.65 -2.50
CA VAL A 8 12.56 -22.06 -1.48
C VAL A 8 11.32 -21.18 -1.53
N PRO A 9 10.14 -21.73 -1.23
CA PRO A 9 8.94 -20.91 -1.21
C PRO A 9 8.97 -19.85 -0.13
N LEU A 10 8.50 -18.65 -0.48
CA LEU A 10 8.51 -17.52 0.44
C LEU A 10 7.34 -17.51 1.40
N GLY A 11 6.28 -18.30 1.14
CA GLY A 11 5.24 -18.45 2.14
C GLY A 11 3.81 -18.27 1.70
N MET A 12 3.49 -18.29 0.40
CA MET A 12 2.08 -18.24 0.03
C MET A 12 1.36 -19.51 0.49
N GLU A 13 1.84 -20.68 0.08
CA GLU A 13 1.17 -21.90 0.46
C GLU A 13 1.26 -22.17 1.97
N SER A 14 2.38 -21.84 2.60
CA SER A 14 2.62 -22.17 4.00
C SER A 14 1.92 -21.21 4.97
N GLY A 15 1.60 -20.00 4.53
CA GLY A 15 1.06 -18.97 5.40
C GLY A 15 2.10 -18.11 6.07
N ARG A 16 3.39 -18.34 5.81
CA ARG A 16 4.41 -17.44 6.32
C ARG A 16 4.25 -16.04 5.75
N ILE A 17 3.68 -15.91 4.55
CA ILE A 17 3.21 -14.63 4.06
C ILE A 17 1.78 -14.46 4.60
N ALA A 18 1.59 -13.50 5.50
CA ALA A 18 0.32 -13.35 6.20
C ALA A 18 -0.75 -12.75 5.27
N ASN A 19 -2.02 -12.98 5.63
CA ASN A 19 -3.12 -12.44 4.83
C ASN A 19 -2.95 -10.94 4.58
N GLU A 20 -2.50 -10.22 5.61
CA GLU A 20 -2.36 -8.77 5.54
C GLU A 20 -1.33 -8.33 4.50
N GLN A 21 -0.37 -9.19 4.14
CA GLN A 21 0.66 -8.90 3.14
C GLN A 21 0.19 -9.09 1.71
N ILE A 22 -1.02 -9.62 1.51
CA ILE A 22 -1.56 -9.87 0.18
C ILE A 22 -2.68 -8.87 -0.10
N SER A 23 -2.67 -8.25 -1.26
CA SER A 23 -3.67 -7.27 -1.65
C SER A 23 -3.84 -7.28 -3.15
N ALA A 24 -4.74 -6.45 -3.66
CA ALA A 24 -4.98 -6.43 -5.10
C ALA A 24 -5.56 -5.08 -5.51
N SER A 25 -5.54 -4.82 -6.82
CA SER A 25 -6.15 -3.62 -7.36
C SER A 25 -7.64 -3.57 -7.08
N SER A 26 -8.29 -4.74 -7.05
CA SER A 26 -9.73 -4.87 -6.86
C SER A 26 -10.01 -6.35 -6.69
N THR A 27 -11.25 -6.66 -6.32
CA THR A 27 -11.69 -8.03 -6.20
C THR A 27 -13.14 -8.16 -6.64
N TYR A 28 -13.50 -9.36 -7.06
CA TYR A 28 -14.82 -9.58 -7.63
C TYR A 28 -15.89 -9.26 -6.59
N SER A 29 -16.98 -8.65 -7.05
CA SER A 29 -17.91 -7.95 -6.18
C SER A 29 -18.64 -8.84 -5.19
N ASP A 30 -18.75 -10.14 -5.46
CA ASP A 30 -19.44 -11.02 -4.53
C ASP A 30 -18.58 -11.51 -3.37
N GLY A 31 -17.29 -11.14 -3.33
CA GLY A 31 -16.49 -11.50 -2.19
C GLY A 31 -16.00 -12.93 -2.17
N ARG A 32 -16.18 -13.68 -3.25
CA ARG A 32 -15.81 -15.09 -3.28
C ARG A 32 -14.47 -15.35 -3.95
N TRP A 33 -13.74 -14.29 -4.34
CA TRP A 33 -12.48 -14.43 -5.09
C TRP A 33 -11.49 -13.41 -4.55
N THR A 34 -11.30 -13.40 -3.22
CA THR A 34 -10.52 -12.35 -2.58
C THR A 34 -9.02 -12.55 -2.80
N PRO A 35 -8.21 -11.51 -2.57
CA PRO A 35 -6.74 -11.69 -2.71
C PRO A 35 -6.19 -12.78 -1.80
N GLN A 36 -6.80 -12.99 -0.63
CA GLN A 36 -6.32 -14.00 0.30
C GLN A 36 -6.61 -15.42 -0.15
N GLN A 37 -7.38 -15.60 -1.22
CA GLN A 37 -7.61 -16.89 -1.85
C GLN A 37 -6.58 -17.19 -2.95
N SER A 38 -5.55 -16.37 -3.08
CA SER A 38 -4.54 -16.57 -4.12
C SER A 38 -3.37 -17.46 -3.72
N ARG A 39 -3.44 -18.19 -2.61
CA ARG A 39 -2.31 -19.04 -2.26
C ARG A 39 -2.28 -20.29 -3.13
N LEU A 40 -1.07 -20.66 -3.59
CA LEU A 40 -0.91 -21.88 -4.39
C LEU A 40 -1.59 -23.03 -3.67
N HIS A 41 -2.32 -23.84 -4.44
CA HIS A 41 -3.06 -25.01 -3.96
C HIS A 41 -4.21 -24.68 -3.02
N GLY A 42 -4.59 -23.41 -2.93
CA GLY A 42 -5.76 -23.05 -2.14
C GLY A 42 -7.00 -23.78 -2.66
N ASP A 43 -7.88 -24.15 -1.74
CA ASP A 43 -9.00 -25.01 -2.11
C ASP A 43 -10.31 -24.26 -2.32
N ASP A 44 -10.29 -22.93 -2.31
CA ASP A 44 -11.51 -22.16 -2.44
C ASP A 44 -11.31 -21.07 -3.49
N ASN A 45 -11.68 -21.36 -4.74
CA ASN A 45 -11.53 -20.40 -5.83
C ASN A 45 -10.09 -19.88 -5.91
N GLY A 46 -9.92 -18.59 -6.17
CA GLY A 46 -8.62 -17.94 -6.31
C GLY A 46 -8.88 -16.44 -6.27
N TRP A 47 -7.86 -15.65 -6.56
CA TRP A 47 -8.12 -14.20 -6.68
C TRP A 47 -8.65 -13.86 -8.07
N THR A 48 -9.73 -13.07 -8.11
CA THR A 48 -10.27 -12.52 -9.36
C THR A 48 -10.57 -11.05 -9.12
N PRO A 49 -10.18 -10.16 -10.05
CA PRO A 49 -10.48 -8.74 -9.90
C PRO A 49 -11.94 -8.43 -10.18
N ASN A 50 -12.29 -7.16 -9.93
CA ASN A 50 -13.65 -6.70 -10.20
C ASN A 50 -13.98 -6.74 -11.69
N LEU A 51 -12.98 -6.53 -12.54
CA LEU A 51 -13.09 -6.54 -13.99
C LEU A 51 -11.92 -7.34 -14.55
N ASP A 52 -12.15 -8.04 -15.66
CA ASP A 52 -11.08 -8.75 -16.35
C ASP A 52 -10.38 -7.75 -17.26
N SER A 53 -9.21 -7.27 -16.82
CA SER A 53 -8.50 -6.19 -17.46
C SER A 53 -7.02 -6.31 -17.17
N ASN A 54 -6.19 -5.93 -18.16
CA ASN A 54 -4.75 -5.99 -18.01
C ASN A 54 -4.19 -4.85 -17.16
N LYS A 55 -5.09 -4.07 -16.56
CA LYS A 55 -4.72 -3.07 -15.58
C LYS A 55 -4.85 -3.57 -14.16
N GLU A 56 -5.38 -4.76 -13.95
CA GLU A 56 -5.55 -5.30 -12.61
C GLU A 56 -4.30 -6.05 -12.17
N TYR A 57 -4.14 -6.19 -10.86
CA TYR A 57 -2.96 -6.85 -10.33
C TYR A 57 -3.22 -7.45 -8.96
N LEU A 58 -2.46 -8.50 -8.66
CA LEU A 58 -2.32 -9.07 -7.33
C LEU A 58 -0.97 -8.61 -6.80
N GLN A 59 -0.92 -8.20 -5.55
CA GLN A 59 0.28 -7.60 -4.96
C GLN A 59 0.64 -8.29 -3.66
N VAL A 60 1.92 -8.57 -3.48
CA VAL A 60 2.44 -9.15 -2.25
C VAL A 60 3.56 -8.28 -1.69
N ASP A 61 3.45 -7.95 -0.41
CA ASP A 61 4.53 -7.27 0.34
C ASP A 61 5.32 -8.35 1.08
N LEU A 62 6.58 -8.57 0.66
CA LEU A 62 7.45 -9.55 1.28
C LEU A 62 8.09 -9.05 2.58
N ARG A 63 7.87 -7.77 2.92
CA ARG A 63 8.26 -7.15 4.19
CA ARG A 63 8.26 -7.15 4.19
C ARG A 63 9.75 -6.81 4.29
N PHE A 64 10.61 -7.50 3.54
CA PHE A 64 12.04 -7.30 3.64
C PHE A 64 12.63 -7.35 2.24
N LEU A 65 13.82 -6.78 2.07
CA LEU A 65 14.52 -6.92 0.81
C LEU A 65 14.80 -8.38 0.58
N THR A 66 14.39 -8.88 -0.60
CA THR A 66 14.37 -10.30 -0.90
C THR A 66 14.96 -10.51 -2.29
N MET A 67 15.78 -11.56 -2.42
CA MET A 67 16.19 -12.03 -3.73
C MET A 67 15.10 -12.96 -4.24
N LEU A 68 14.37 -12.53 -5.26
CA LEU A 68 13.30 -13.32 -5.88
C LEU A 68 13.88 -14.14 -7.03
N THR A 69 13.56 -15.44 -7.06
CA THR A 69 14.17 -16.32 -8.05
C THR A 69 13.16 -17.01 -8.96
N ALA A 70 11.90 -17.14 -8.55
CA ALA A 70 10.94 -17.86 -9.38
C ALA A 70 9.52 -17.51 -8.94
N ILE A 71 8.57 -17.79 -9.83
CA ILE A 71 7.14 -17.56 -9.58
C ILE A 71 6.39 -18.74 -10.13
N ALA A 72 5.45 -19.29 -9.36
CA ALA A 72 4.59 -20.36 -9.82
C ALA A 72 3.16 -19.90 -9.75
N THR A 73 2.35 -20.30 -10.72
CA THR A 73 0.93 -19.91 -10.71
C THR A 73 0.04 -21.07 -11.10
N GLN A 74 -1.23 -20.93 -10.68
CA GLN A 74 -2.35 -21.75 -11.15
C GLN A 74 -3.51 -20.81 -11.47
N GLY A 75 -4.50 -21.33 -12.20
CA GLY A 75 -5.82 -20.72 -12.26
C GLY A 75 -6.68 -21.22 -11.11
N ALA A 76 -8.01 -21.28 -11.31
CA ALA A 76 -8.85 -21.88 -10.30
C ALA A 76 -10.13 -22.38 -10.94
N ILE A 77 -10.70 -23.44 -10.36
CA ILE A 77 -12.02 -23.93 -10.70
C ILE A 77 -13.02 -23.34 -9.70
N SER A 78 -14.08 -22.73 -10.21
CA SER A 78 -15.11 -22.14 -9.34
C SER A 78 -15.82 -23.22 -8.51
N ARG A 79 -15.85 -23.00 -7.19
CA ARG A 79 -16.63 -23.87 -6.30
C ARG A 79 -18.12 -23.76 -6.57
N GLU A 80 -18.57 -22.67 -7.17
CA GLU A 80 -19.98 -22.42 -7.39
C GLU A 80 -20.47 -22.96 -8.73
N THR A 81 -19.66 -22.85 -9.80
CA THR A 81 -20.10 -23.18 -11.14
C THR A 81 -19.31 -24.30 -11.79
N GLN A 82 -18.17 -24.70 -11.22
CA GLN A 82 -17.22 -25.63 -11.84
C GLN A 82 -16.55 -25.06 -13.09
N ASN A 83 -16.76 -23.78 -13.42
CA ASN A 83 -16.04 -23.22 -14.55
C ASN A 83 -14.57 -22.98 -14.18
N GLY A 84 -13.67 -23.31 -15.10
CA GLY A 84 -12.26 -23.03 -14.92
C GLY A 84 -11.85 -21.68 -15.49
N TYR A 85 -10.95 -21.01 -14.76
CA TYR A 85 -10.41 -19.72 -15.17
C TYR A 85 -8.91 -19.77 -14.99
N TYR A 86 -8.15 -19.12 -15.87
CA TYR A 86 -6.72 -19.06 -15.64
C TYR A 86 -6.09 -17.91 -16.42
N VAL A 87 -4.98 -17.42 -15.88
CA VAL A 87 -4.15 -16.44 -16.55
C VAL A 87 -3.20 -17.16 -17.50
N LYS A 88 -3.13 -16.70 -18.75
CA LYS A 88 -2.24 -17.29 -19.75
C LYS A 88 -0.90 -16.58 -19.84
N SER A 89 -0.83 -15.30 -19.49
CA SER A 89 0.44 -14.58 -19.52
C SER A 89 0.31 -13.38 -18.59
N TYR A 90 1.44 -12.92 -18.07
CA TYR A 90 1.40 -11.80 -17.15
C TYR A 90 2.70 -11.00 -17.23
N LYS A 91 2.61 -9.76 -16.78
CA LYS A 91 3.77 -8.91 -16.59
C LYS A 91 4.11 -8.91 -15.11
N LEU A 92 5.40 -8.95 -14.82
CA LEU A 92 5.93 -8.94 -13.46
C LEU A 92 6.45 -7.54 -13.18
N GLU A 93 5.95 -6.93 -12.11
CA GLU A 93 6.42 -5.62 -11.69
C GLU A 93 6.89 -5.69 -10.25
N VAL A 94 7.97 -4.96 -9.95
CA VAL A 94 8.59 -5.03 -8.63
C VAL A 94 8.84 -3.61 -8.11
N SER A 95 9.00 -3.51 -6.80
CA SER A 95 9.20 -2.21 -6.16
C SER A 95 9.89 -2.42 -4.83
N THR A 96 10.74 -1.45 -4.44
CA THR A 96 11.28 -1.49 -3.09
C THR A 96 10.53 -0.57 -2.11
N ASN A 97 9.86 0.47 -2.59
CA ASN A 97 9.20 1.40 -1.68
C ASN A 97 7.68 1.38 -1.77
N GLY A 98 7.11 0.53 -2.61
CA GLY A 98 5.66 0.48 -2.77
C GLY A 98 5.09 1.44 -3.78
N GLU A 99 5.90 2.34 -4.34
CA GLU A 99 5.31 3.38 -5.19
C GLU A 99 5.92 3.46 -6.57
N ASP A 100 7.23 3.29 -6.68
CA ASP A 100 7.93 3.24 -7.96
C ASP A 100 7.98 1.79 -8.39
N TRP A 101 7.33 1.48 -9.51
CA TRP A 101 7.23 0.11 -10.01
C TRP A 101 8.08 -0.05 -11.25
N MET A 102 8.76 -1.19 -11.36
CA MET A 102 9.63 -1.51 -12.49
C MET A 102 9.20 -2.82 -13.09
N VAL A 103 9.06 -2.86 -14.41
CA VAL A 103 8.82 -4.13 -15.08
C VAL A 103 10.09 -4.96 -15.07
N TYR A 104 9.97 -6.24 -14.82
CA TYR A 104 11.05 -7.19 -15.03
C TYR A 104 10.65 -8.02 -16.24
N ARG A 105 11.39 -7.88 -17.33
CA ARG A 105 11.08 -8.61 -18.54
C ARG A 105 11.39 -10.10 -18.39
N HIS A 106 10.55 -10.93 -18.99
CA HIS A 106 10.91 -12.34 -19.09
C HIS A 106 12.31 -12.54 -19.66
N GLY A 107 12.65 -11.80 -20.70
CA GLY A 107 13.99 -11.88 -21.26
C GLY A 107 14.15 -10.83 -22.33
N LYS A 108 15.26 -10.95 -23.06
CA LYS A 108 15.53 -9.99 -24.12
C LYS A 108 14.40 -9.92 -25.14
N ASN A 109 13.86 -11.07 -25.54
CA ASN A 109 12.94 -11.09 -26.66
C ASN A 109 11.48 -10.96 -26.25
N HIS A 110 11.13 -11.25 -24.99
CA HIS A 110 9.74 -11.17 -24.55
C HIS A 110 9.63 -10.47 -23.20
N LYS A 111 8.70 -9.52 -23.11
CA LYS A 111 8.43 -8.87 -21.84
C LYS A 111 7.59 -9.74 -20.92
N VAL A 112 6.51 -10.34 -21.44
CA VAL A 112 5.58 -11.07 -20.58
C VAL A 112 6.09 -12.48 -20.30
N PHE A 113 5.63 -13.03 -19.19
CA PHE A 113 5.79 -14.43 -18.82
C PHE A 113 4.61 -15.25 -19.31
N GLN A 114 4.90 -16.43 -19.87
CA GLN A 114 3.85 -17.40 -20.17
C GLN A 114 3.46 -18.14 -18.90
N ALA A 115 2.14 -18.27 -18.67
CA ALA A 115 1.64 -18.83 -17.42
C ALA A 115 0.86 -20.12 -17.69
N ASN A 116 -0.42 -20.16 -17.36
CA ASN A 116 -1.15 -21.42 -17.33
C ASN A 116 -1.85 -21.72 -18.64
N ASN A 117 -2.21 -22.99 -18.79
CA ASN A 117 -2.95 -23.50 -19.94
C ASN A 117 -4.14 -24.33 -19.51
N ASP A 118 -4.44 -24.33 -18.21
CA ASP A 118 -5.60 -24.99 -17.64
C ASP A 118 -5.74 -24.42 -16.24
N ALA A 119 -6.80 -24.82 -15.55
CA ALA A 119 -7.15 -24.15 -14.31
C ALA A 119 -6.39 -24.65 -13.10
N THR A 120 -5.74 -25.82 -13.14
CA THR A 120 -5.17 -26.37 -11.92
C THR A 120 -3.70 -26.77 -11.97
N GLU A 121 -3.12 -27.01 -13.13
CA GLU A 121 -1.70 -27.39 -13.15
C GLU A 121 -0.82 -26.21 -12.73
N VAL A 122 0.21 -26.50 -11.94
CA VAL A 122 1.17 -25.46 -11.55
C VAL A 122 2.15 -25.23 -12.70
N VAL A 123 2.37 -23.97 -13.06
CA VAL A 123 3.43 -23.60 -14.01
C VAL A 123 4.46 -22.73 -13.29
N LEU A 124 5.70 -23.17 -13.32
CA LEU A 124 6.82 -22.47 -12.70
C LEU A 124 7.62 -21.72 -13.74
N ASN A 125 7.89 -20.44 -13.49
CA ASN A 125 8.87 -19.68 -14.25
C ASN A 125 10.03 -19.33 -13.32
N LYS A 126 11.22 -19.86 -13.63
CA LYS A 126 12.45 -19.47 -12.94
C LYS A 126 12.99 -18.23 -13.63
N LEU A 127 13.18 -17.15 -12.86
CA LEU A 127 13.70 -15.92 -13.46
C LEU A 127 15.09 -16.15 -14.06
N HIS A 128 15.32 -15.59 -15.25
CA HIS A 128 16.62 -15.81 -15.88
C HIS A 128 17.75 -15.24 -15.02
N ALA A 129 17.49 -14.15 -14.27
CA ALA A 129 18.43 -13.57 -13.35
C ALA A 129 17.65 -13.26 -12.08
N PRO A 130 18.18 -13.58 -10.91
CA PRO A 130 17.49 -13.18 -9.67
C PRO A 130 17.39 -11.67 -9.60
N LEU A 131 16.39 -11.21 -8.86
CA LEU A 131 16.21 -9.79 -8.69
C LEU A 131 16.01 -9.45 -7.22
N LEU A 132 16.21 -8.17 -6.90
CA LEU A 132 16.03 -7.66 -5.56
C LEU A 132 14.71 -6.89 -5.47
N THR A 133 13.85 -7.24 -4.50
CA THR A 133 12.62 -6.48 -4.35
C THR A 133 12.10 -6.62 -2.92
N ARG A 134 11.14 -5.75 -2.59
CA ARG A 134 10.29 -5.98 -1.43
C ARG A 134 8.86 -6.34 -1.83
N PHE A 135 8.34 -5.71 -2.88
CA PHE A 135 6.95 -5.89 -3.31
C PHE A 135 6.92 -6.53 -4.68
N VAL A 136 5.92 -7.39 -4.90
CA VAL A 136 5.73 -8.07 -6.18
C VAL A 136 4.31 -7.80 -6.64
N ARG A 137 4.16 -7.43 -7.91
CA ARG A 137 2.86 -7.32 -8.57
C ARG A 137 2.84 -8.27 -9.75
N ILE A 138 1.78 -9.07 -9.82
CA ILE A 138 1.47 -9.88 -11.00
C ILE A 138 0.34 -9.18 -11.75
N ARG A 139 0.60 -8.79 -12.99
CA ARG A 139 -0.34 -8.07 -13.84
C ARG A 139 -0.80 -8.96 -14.99
N PRO A 140 -1.93 -9.65 -14.88
CA PRO A 140 -2.35 -10.51 -15.99
C PRO A 140 -2.54 -9.73 -17.29
N GLN A 141 -2.07 -10.33 -18.40
CA GLN A 141 -2.20 -9.74 -19.73
C GLN A 141 -3.17 -10.48 -20.63
N THR A 142 -3.22 -11.81 -20.54
CA THR A 142 -4.19 -12.61 -21.28
C THR A 142 -4.66 -13.73 -20.37
N TRP A 143 -5.83 -14.28 -20.67
CA TRP A 143 -6.47 -15.23 -19.76
C TRP A 143 -7.49 -16.03 -20.55
N HIS A 144 -7.92 -17.14 -19.97
CA HIS A 144 -8.97 -17.97 -20.55
C HIS A 144 -10.18 -17.91 -19.64
N SER A 145 -11.31 -17.48 -20.20
CA SER A 145 -12.61 -17.30 -19.51
C SER A 145 -12.65 -16.11 -18.56
N GLY A 146 -11.56 -15.83 -17.89
CA GLY A 146 -11.50 -14.73 -16.96
C GLY A 146 -10.22 -14.82 -16.15
N ILE A 147 -9.85 -13.77 -15.45
CA ILE A 147 -8.68 -13.81 -14.59
C ILE A 147 -9.01 -14.55 -13.30
N ALA A 148 -8.25 -15.60 -13.01
CA ALA A 148 -8.19 -16.16 -11.66
C ALA A 148 -6.75 -16.58 -11.43
N LEU A 149 -6.26 -16.38 -10.20
CA LEU A 149 -4.87 -16.62 -9.89
C LEU A 149 -4.67 -17.22 -8.51
N ARG A 150 -3.83 -18.25 -8.44
CA ARG A 150 -3.17 -18.70 -7.22
C ARG A 150 -1.67 -18.67 -7.52
N LEU A 151 -0.87 -18.45 -6.47
CA LEU A 151 0.51 -17.98 -6.64
C LEU A 151 1.43 -18.57 -5.57
N GLU A 152 2.70 -18.83 -5.96
CA GLU A 152 3.78 -19.00 -4.99
C GLU A 152 4.96 -18.18 -5.49
N LEU A 153 5.69 -17.59 -4.54
CA LEU A 153 6.92 -16.88 -4.84
C LEU A 153 8.09 -17.63 -4.21
N PHE A 154 9.24 -17.61 -4.88
CA PHE A 154 10.42 -18.34 -4.41
C PHE A 154 11.58 -17.39 -4.29
N GLY A 155 12.38 -17.56 -3.23
CA GLY A 155 13.53 -16.69 -3.05
C GLY A 155 13.97 -16.69 -1.59
N CYS A 156 14.76 -15.68 -1.24
CA CYS A 156 15.35 -15.66 0.08
C CYS A 156 15.65 -14.22 0.47
N ARG A 157 15.48 -13.93 1.75
CA ARG A 157 15.94 -12.65 2.30
C ARG A 157 17.44 -12.52 2.09
N VAL A 158 17.90 -11.29 1.89
CA VAL A 158 19.32 -11.02 1.77
C VAL A 158 19.79 -10.15 2.93
N THR A 159 21.09 -10.21 3.19
CA THR A 159 21.69 -9.37 4.21
C THR A 159 23.04 -8.88 3.71
N SER A 160 23.59 -7.95 4.49
CA SER A 160 24.89 -7.28 4.35
C SER A 160 24.76 -5.95 3.62
N MET B 3 -27.37 16.44 2.17
CA MET B 3 -27.03 16.52 0.75
C MET B 3 -25.53 16.33 0.51
N PHE B 4 -24.79 16.04 1.58
CA PHE B 4 -23.34 16.29 1.63
C PHE B 4 -22.56 15.09 1.10
N GLN B 5 -21.90 15.28 -0.03
CA GLN B 5 -21.03 14.26 -0.62
C GLN B 5 -19.60 14.78 -0.49
N CYS B 6 -19.07 14.67 0.72
CA CYS B 6 -17.83 15.32 1.11
C CYS B 6 -16.76 14.30 1.48
N ASN B 7 -16.73 13.21 0.72
CA ASN B 7 -15.75 12.15 0.90
C ASN B 7 -14.62 12.23 -0.13
N VAL B 8 -14.37 13.42 -0.66
CA VAL B 8 -13.45 13.66 -1.77
C VAL B 8 -12.10 14.09 -1.22
N PRO B 9 -10.98 13.64 -1.79
CA PRO B 9 -9.68 14.11 -1.31
C PRO B 9 -9.51 15.61 -1.51
N LEU B 10 -8.90 16.25 -0.53
CA LEU B 10 -8.74 17.70 -0.54
C LEU B 10 -7.50 18.18 -1.29
N GLY B 11 -6.57 17.28 -1.66
CA GLY B 11 -5.50 17.69 -2.55
C GLY B 11 -4.07 17.34 -2.16
N MET B 12 -3.84 16.50 -1.15
CA MET B 12 -2.45 16.07 -0.89
C MET B 12 -1.88 15.28 -2.06
N GLU B 13 -2.54 14.19 -2.44
CA GLU B 13 -2.01 13.39 -3.54
C GLU B 13 -2.05 14.15 -4.87
N SER B 14 -3.09 14.96 -5.10
CA SER B 14 -3.30 15.60 -6.39
C SER B 14 -2.43 16.84 -6.60
N GLY B 15 -1.98 17.48 -5.52
CA GLY B 15 -1.26 18.74 -5.60
C GLY B 15 -2.14 19.96 -5.49
N ARG B 16 -3.46 19.79 -5.37
CA ARG B 16 -4.34 20.94 -5.16
C ARG B 16 -4.01 21.65 -3.86
N ILE B 17 -3.52 20.91 -2.86
CA ILE B 17 -2.88 21.52 -1.70
C ILE B 17 -1.43 21.79 -2.08
N ALA B 18 -1.08 23.07 -2.24
CA ALA B 18 0.24 23.43 -2.73
C ALA B 18 1.31 23.19 -1.67
N ASN B 19 2.58 23.09 -2.11
CA ASN B 19 3.67 22.86 -1.17
C ASN B 19 3.68 23.85 -0.03
N GLU B 20 3.40 25.12 -0.33
CA GLU B 20 3.47 26.18 0.66
C GLU B 20 2.41 26.05 1.74
N GLN B 21 1.35 25.27 1.50
CA GLN B 21 0.29 25.03 2.48
C GLN B 21 0.66 23.93 3.48
N ILE B 22 1.78 23.23 3.28
CA ILE B 22 2.20 22.13 4.14
C ILE B 22 3.41 22.57 4.94
N SER B 23 3.41 22.33 6.23
CA SER B 23 4.50 22.72 7.12
C SER B 23 4.57 21.72 8.26
N ALA B 24 5.53 21.94 9.16
CA ALA B 24 5.69 21.04 10.29
C ALA B 24 6.41 21.76 11.40
N SER B 25 6.36 21.14 12.59
CA SER B 25 7.10 21.63 13.74
C SER B 25 8.59 21.64 13.49
N SER B 26 9.10 20.65 12.75
CA SER B 26 10.51 20.50 12.43
C SER B 26 10.61 19.42 11.36
N THR B 27 11.82 19.26 10.83
CA THR B 27 12.09 18.23 9.85
C THR B 27 13.49 17.66 10.08
N TYR B 28 13.67 16.41 9.67
CA TYR B 28 14.93 15.72 9.92
C TYR B 28 16.09 16.47 9.29
N SER B 29 17.22 16.45 10.00
CA SER B 29 18.34 17.37 9.74
C SER B 29 18.97 17.23 8.36
N ASP B 30 18.84 16.09 7.70
CA ASP B 30 19.48 15.90 6.40
C ASP B 30 18.65 16.39 5.23
N GLY B 31 17.43 16.90 5.48
CA GLY B 31 16.63 17.47 4.42
C GLY B 31 15.98 16.45 3.50
N ARG B 32 15.99 15.17 3.85
CA ARG B 32 15.43 14.12 3.01
C ARG B 32 14.04 13.67 3.43
N TRP B 33 13.44 14.33 4.42
CA TRP B 33 12.14 13.93 4.98
C TRP B 33 11.31 15.17 5.24
N THR B 34 11.20 16.04 4.23
CA THR B 34 10.58 17.36 4.40
C THR B 34 9.05 17.25 4.49
N PRO B 35 8.39 18.29 5.01
CA PRO B 35 6.92 18.27 5.06
C PRO B 35 6.28 18.06 3.69
N GLN B 36 6.91 18.55 2.63
CA GLN B 36 6.38 18.44 1.27
C GLN B 36 6.45 17.01 0.73
N GLN B 37 7.13 16.11 1.42
CA GLN B 37 7.16 14.70 1.08
C GLN B 37 6.06 13.90 1.78
N SER B 38 5.12 14.57 2.44
CA SER B 38 4.05 13.90 3.17
C SER B 38 2.80 13.62 2.34
N ARG B 39 2.85 13.71 1.01
CA ARG B 39 1.64 13.45 0.24
C ARG B 39 1.38 11.95 0.12
N LEU B 40 0.12 11.53 0.30
CA LEU B 40 -0.24 10.12 0.16
C LEU B 40 0.33 9.60 -1.15
N HIS B 41 0.90 8.40 -1.09
CA HIS B 41 1.51 7.72 -2.24
C HIS B 41 2.75 8.41 -2.78
N GLY B 42 3.29 9.39 -2.07
CA GLY B 42 4.55 10.00 -2.49
C GLY B 42 5.65 8.96 -2.60
N ASP B 43 6.53 9.14 -3.57
CA ASP B 43 7.51 8.10 -3.86
C ASP B 43 8.89 8.39 -3.30
N ASP B 44 9.04 9.41 -2.46
CA ASP B 44 10.33 9.78 -1.91
C ASP B 44 10.21 10.00 -0.40
N ASN B 45 10.47 8.95 0.38
CA ASN B 45 10.40 9.01 1.83
C ASN B 45 9.04 9.54 2.27
N GLY B 46 9.02 10.41 3.28
CA GLY B 46 7.81 11.00 3.83
C GLY B 46 8.25 12.10 4.74
N TRP B 47 7.32 12.67 5.51
CA TRP B 47 7.74 13.66 6.50
C TRP B 47 8.26 12.99 7.76
N THR B 48 9.42 13.43 8.25
CA THR B 48 9.93 13.01 9.54
C THR B 48 10.43 14.23 10.28
N PRO B 49 10.10 14.39 11.55
CA PRO B 49 10.59 15.54 12.32
C PRO B 49 12.06 15.39 12.71
N ASN B 50 12.58 16.45 13.32
CA ASN B 50 13.97 16.47 13.73
C ASN B 50 14.22 15.50 14.87
N LEU B 51 13.22 15.25 15.71
CA LEU B 51 13.27 14.32 16.81
C LEU B 51 11.97 13.51 16.82
N ASP B 52 12.06 12.25 17.25
CA ASP B 52 10.85 11.42 17.37
C ASP B 52 10.20 11.70 18.73
N SER B 53 9.20 12.60 18.75
CA SER B 53 8.50 12.88 20.00
C SER B 53 7.07 13.30 19.69
N ASN B 54 6.19 13.11 20.67
CA ASN B 54 4.79 13.49 20.54
C ASN B 54 4.58 14.99 20.64
N LYS B 55 5.66 15.77 20.72
CA LYS B 55 5.59 17.23 20.61
C LYS B 55 5.64 17.68 19.15
N GLU B 56 5.90 16.79 18.22
CA GLU B 56 6.06 17.17 16.82
C GLU B 56 4.74 17.02 16.07
N TYR B 57 4.63 17.72 14.94
CA TYR B 57 3.39 17.68 14.17
C TYR B 57 3.63 18.07 12.72
N LEU B 58 2.76 17.55 11.86
CA LEU B 58 2.62 17.97 10.48
C LEU B 58 1.37 18.82 10.40
N GLN B 59 1.43 19.92 9.66
CA GLN B 59 0.34 20.89 9.62
C GLN B 59 -0.02 21.23 8.17
N VAL B 60 -1.32 21.32 7.90
CA VAL B 60 -1.83 21.69 6.58
C VAL B 60 -2.78 22.87 6.74
N ASP B 61 -2.58 23.90 5.93
CA ASP B 61 -3.52 25.02 5.80
C ASP B 61 -4.40 24.75 4.59
N LEU B 62 -5.69 24.52 4.82
CA LEU B 62 -6.62 24.27 3.71
C LEU B 62 -7.09 25.52 3.01
N ARG B 63 -6.70 26.70 3.49
CA ARG B 63 -6.94 28.02 2.91
C ARG B 63 -8.37 28.54 3.06
N PHE B 64 -9.33 27.65 3.21
CA PHE B 64 -10.74 28.03 3.32
C PHE B 64 -11.37 27.20 4.41
N LEU B 65 -12.46 27.71 4.99
CA LEU B 65 -13.23 26.91 5.94
C LEU B 65 -13.75 25.68 5.24
N THR B 66 -13.48 24.53 5.83
CA THR B 66 -13.69 23.24 5.18
C THR B 66 -14.40 22.31 6.16
N MET B 67 -15.33 21.51 5.63
CA MET B 67 -15.88 20.40 6.37
C MET B 67 -14.97 19.21 6.15
N LEU B 68 -14.26 18.80 7.20
CA LEU B 68 -13.34 17.66 7.16
C LEU B 68 -14.07 16.40 7.57
N THR B 69 -13.91 15.33 6.78
CA THR B 69 -14.68 14.11 7.03
C THR B 69 -13.81 12.88 7.25
N ALA B 70 -12.56 12.86 6.81
CA ALA B 70 -11.73 11.66 6.96
C ALA B 70 -10.26 12.02 6.80
N ILE B 71 -9.41 11.14 7.30
CA ILE B 71 -7.95 11.28 7.17
C ILE B 71 -7.38 9.91 6.85
N ALA B 72 -6.46 9.85 5.87
CA ALA B 72 -5.78 8.61 5.53
C ALA B 72 -4.29 8.82 5.73
N THR B 73 -3.59 7.80 6.21
CA THR B 73 -2.15 7.93 6.40
C THR B 73 -1.43 6.68 5.94
N GLN B 74 -0.14 6.88 5.63
CA GLN B 74 0.86 5.83 5.45
C GLN B 74 2.11 6.21 6.25
N GLY B 75 2.98 5.22 6.43
CA GLY B 75 4.37 5.46 6.82
C GLY B 75 5.21 5.70 5.59
N ALA B 76 6.50 5.35 5.65
CA ALA B 76 7.34 5.42 4.46
C ALA B 76 8.52 4.47 4.61
N ILE B 77 9.00 3.98 3.47
CA ILE B 77 10.25 3.22 3.40
C ILE B 77 11.37 4.16 2.93
N SER B 78 12.46 4.21 3.69
CA SER B 78 13.60 5.04 3.32
C SER B 78 14.20 4.63 1.98
N ARG B 79 14.34 5.63 1.08
CA ARG B 79 15.02 5.41 -0.19
C ARG B 79 16.51 5.13 0.00
N GLU B 80 17.07 5.55 1.14
CA GLU B 80 18.50 5.42 1.41
C GLU B 80 18.84 4.10 2.09
N THR B 81 18.00 3.64 3.01
CA THR B 81 18.35 2.50 3.85
C THR B 81 17.40 1.33 3.71
N GLN B 82 16.23 1.52 3.10
CA GLN B 82 15.13 0.54 3.04
C GLN B 82 14.46 0.31 4.40
N ASN B 83 14.82 1.06 5.44
CA ASN B 83 14.13 0.90 6.71
CA ASN B 83 14.12 0.88 6.71
C ASN B 83 12.71 1.46 6.61
N GLY B 84 11.74 0.74 7.16
CA GLY B 84 10.37 1.25 7.23
C GLY B 84 10.10 1.96 8.53
N TYR B 85 9.31 3.03 8.44
CA TYR B 85 8.90 3.81 9.60
C TYR B 85 7.41 4.10 9.47
N TYR B 86 6.68 4.12 10.60
CA TYR B 86 5.29 4.48 10.50
C TYR B 86 4.75 4.96 11.84
N VAL B 87 3.74 5.83 11.77
CA VAL B 87 3.01 6.30 12.93
C VAL B 87 1.91 5.29 13.25
N LYS B 88 1.84 4.87 14.52
CA LYS B 88 0.83 3.90 14.95
C LYS B 88 -0.42 4.55 15.50
N SER B 89 -0.31 5.75 16.06
CA SER B 89 -1.48 6.47 16.58
C SER B 89 -1.16 7.95 16.60
N TYR B 90 -2.21 8.76 16.51
CA TYR B 90 -1.99 10.21 16.49
C TYR B 90 -3.15 10.94 17.11
N LYS B 91 -2.88 12.16 17.55
CA LYS B 91 -3.89 13.12 17.96
C LYS B 91 -4.17 14.07 16.81
N LEU B 92 -5.44 14.40 16.64
CA LEU B 92 -5.90 15.32 15.59
C LEU B 92 -6.22 16.65 16.26
N GLU B 93 -5.60 17.72 15.77
CA GLU B 93 -5.89 19.05 16.28
C GLU B 93 -6.29 19.94 15.11
N VAL B 94 -7.22 20.87 15.38
CA VAL B 94 -7.78 21.71 14.33
C VAL B 94 -7.83 23.16 14.81
N SER B 95 -7.89 24.07 13.85
CA SER B 95 -7.89 25.49 14.18
C SER B 95 -8.55 26.26 13.04
N THR B 96 -9.22 27.35 13.38
CA THR B 96 -9.73 28.24 12.32
C THR B 96 -8.81 29.45 12.08
N ASN B 97 -8.04 29.88 13.06
CA ASN B 97 -7.24 31.08 12.89
C ASN B 97 -5.74 30.82 12.89
N GLY B 98 -5.31 29.56 13.03
CA GLY B 98 -3.91 29.21 13.06
C GLY B 98 -3.24 29.28 14.41
N GLU B 99 -3.93 29.77 15.45
CA GLU B 99 -3.28 29.93 16.73
C GLU B 99 -3.95 29.22 17.89
N ASP B 100 -5.28 29.18 17.91
CA ASP B 100 -6.03 28.44 18.92
C ASP B 100 -6.30 27.06 18.36
N TRP B 101 -5.77 26.04 19.03
CA TRP B 101 -5.87 24.66 18.58
C TRP B 101 -6.81 23.88 19.47
N MET B 102 -7.63 23.01 18.87
CA MET B 102 -8.57 22.17 19.59
C MET B 102 -8.33 20.72 19.21
N VAL B 103 -8.28 19.85 20.22
CA VAL B 103 -8.25 18.41 19.95
C VAL B 103 -9.61 17.96 19.47
N TYR B 104 -9.63 17.13 18.44
CA TYR B 104 -10.82 16.38 18.04
C TYR B 104 -10.60 14.93 18.46
N ARG B 105 -11.39 14.44 19.40
CA ARG B 105 -11.23 13.08 19.89
C ARG B 105 -11.72 12.09 18.86
N HIS B 106 -11.01 10.97 18.75
CA HIS B 106 -11.54 9.87 17.95
C HIS B 106 -12.99 9.53 18.34
N GLY B 107 -13.28 9.49 19.62
CA GLY B 107 -14.64 9.26 20.06
C GLY B 107 -14.71 9.44 21.56
N LYS B 108 -15.87 9.06 22.11
CA LYS B 108 -16.08 9.20 23.55
C LYS B 108 -15.01 8.45 24.35
N ASN B 109 -14.67 7.22 23.94
CA ASN B 109 -13.82 6.37 24.75
C ASN B 109 -12.33 6.50 24.46
N HIS B 110 -11.95 7.08 23.31
CA HIS B 110 -10.55 7.16 22.93
C HIS B 110 -10.24 8.51 22.30
N LYS B 111 -9.23 9.19 22.82
CA LYS B 111 -8.81 10.45 22.22
C LYS B 111 -8.04 10.23 20.93
N VAL B 112 -7.06 9.31 20.93
CA VAL B 112 -6.19 9.16 19.76
C VAL B 112 -6.85 8.33 18.68
N PHE B 113 -6.38 8.55 17.44
CA PHE B 113 -6.72 7.74 16.29
C PHE B 113 -5.68 6.64 16.11
N GLN B 114 -6.15 5.44 15.78
CA GLN B 114 -5.25 4.36 15.38
C GLN B 114 -4.89 4.51 13.92
N ALA B 115 -3.59 4.39 13.62
CA ALA B 115 -3.08 4.67 12.28
C ALA B 115 -2.48 3.40 11.68
N ASN B 116 -1.18 3.40 11.37
CA ASN B 116 -0.62 2.37 10.53
C ASN B 116 -0.02 1.22 11.34
N ASN B 117 0.16 0.10 10.65
CA ASN B 117 0.78 -1.11 11.20
C ASN B 117 1.87 -1.64 10.29
N ASP B 118 2.25 -0.86 9.27
CA ASP B 118 3.33 -1.18 8.37
C ASP B 118 3.62 0.11 7.62
N ALA B 119 4.68 0.10 6.80
CA ALA B 119 5.17 1.35 6.25
C ALA B 119 4.40 1.84 5.04
N THR B 120 3.63 0.99 4.35
CA THR B 120 3.05 1.41 3.08
C THR B 120 1.54 1.28 2.93
N GLU B 121 0.86 0.43 3.70
CA GLU B 121 -0.58 0.31 3.53
C GLU B 121 -1.29 1.58 3.97
N VAL B 122 -2.28 2.01 3.20
CA VAL B 122 -3.09 3.18 3.57
C VAL B 122 -4.10 2.76 4.64
N VAL B 123 -4.19 3.56 5.71
CA VAL B 123 -5.25 3.37 6.71
C VAL B 123 -6.12 4.62 6.73
N LEU B 124 -7.42 4.43 6.54
CA LEU B 124 -8.41 5.50 6.52
C LEU B 124 -9.17 5.52 7.83
N ASN B 125 -9.26 6.70 8.45
CA ASN B 125 -10.19 6.95 9.56
C ASN B 125 -11.24 7.94 9.12
N LYS B 126 -12.49 7.50 9.06
CA LYS B 126 -13.60 8.41 8.79
C LYS B 126 -14.03 9.01 10.12
N LEU B 127 -14.04 10.34 10.21
CA LEU B 127 -14.45 10.98 11.47
C LEU B 127 -15.89 10.60 11.82
N HIS B 128 -16.13 10.34 13.10
CA HIS B 128 -17.48 9.94 13.50
C HIS B 128 -18.48 11.05 13.22
N ALA B 129 -18.06 12.32 13.32
CA ALA B 129 -18.86 13.48 13.01
C ALA B 129 -17.98 14.42 12.17
N PRO B 130 -18.50 14.97 11.09
CA PRO B 130 -17.69 15.96 10.34
C PRO B 130 -17.39 17.15 11.23
N LEU B 131 -16.30 17.84 10.89
CA LEU B 131 -15.92 19.01 11.64
C LEU B 131 -15.61 20.17 10.70
N LEU B 132 -15.62 21.36 11.26
CA LEU B 132 -15.31 22.59 10.54
C LEU B 132 -13.90 23.05 10.92
N THR B 133 -13.04 23.27 9.91
CA THR B 133 -11.71 23.77 10.23
C THR B 133 -11.12 24.48 9.01
N ARG B 134 -10.03 25.23 9.25
CA ARG B 134 -9.18 25.67 8.17
C ARG B 134 -7.81 24.97 8.21
N PHE B 135 -7.29 24.73 9.41
CA PHE B 135 -5.96 24.13 9.59
C PHE B 135 -6.08 22.77 10.27
N VAL B 136 -5.20 21.85 9.88
CA VAL B 136 -5.18 20.51 10.44
C VAL B 136 -3.76 20.23 10.93
N ARG B 137 -3.64 19.71 12.15
CA ARG B 137 -2.38 19.27 12.72
C ARG B 137 -2.50 17.78 13.04
N ILE B 138 -1.55 16.99 12.57
CA ILE B 138 -1.43 15.58 12.97
C ILE B 138 -0.27 15.49 13.95
N ARG B 139 -0.54 15.04 15.16
CA ARG B 139 0.45 14.94 16.23
C ARG B 139 0.71 13.48 16.57
N PRO B 140 1.76 12.86 16.01
CA PRO B 140 2.00 11.44 16.28
C PRO B 140 2.19 11.19 17.77
N GLN B 141 1.60 10.11 18.26
CA GLN B 141 1.71 9.72 19.66
C GLN B 141 2.51 8.45 19.87
N THR B 142 2.40 7.49 18.97
CA THR B 142 3.23 6.29 19.00
C THR B 142 3.63 5.96 17.58
N TRP B 143 4.72 5.19 17.44
CA TRP B 143 5.29 4.92 16.13
C TRP B 143 6.15 3.67 16.21
N HIS B 144 6.47 3.13 15.05
CA HIS B 144 7.38 2.00 14.95
C HIS B 144 8.64 2.46 14.23
N SER B 145 9.78 2.33 14.92
CA SER B 145 11.12 2.67 14.43
C SER B 145 11.38 4.17 14.40
N GLY B 146 10.36 4.94 14.08
CA GLY B 146 10.46 6.39 14.05
C GLY B 146 9.22 6.95 13.38
N ILE B 147 9.06 8.26 13.51
CA ILE B 147 7.94 8.96 12.88
C ILE B 147 8.24 9.17 11.39
N ALA B 148 7.36 8.65 10.54
CA ALA B 148 7.28 9.07 9.15
C ALA B 148 5.82 9.06 8.74
N LEU B 149 5.43 10.05 7.93
CA LEU B 149 4.02 10.25 7.58
C LEU B 149 3.85 10.65 6.13
N ARG B 150 2.89 9.99 5.47
CA ARG B 150 2.25 10.48 4.28
C ARG B 150 0.76 10.53 4.57
N LEU B 151 0.05 11.45 3.92
CA LEU B 151 -1.26 11.89 4.40
C LEU B 151 -2.18 12.23 3.24
N GLU B 152 -3.49 11.96 3.45
CA GLU B 152 -4.53 12.58 2.63
C GLU B 152 -5.63 13.05 3.56
N LEU B 153 -6.25 14.17 3.20
CA LEU B 153 -7.40 14.72 3.92
C LEU B 153 -8.61 14.69 3.00
N PHE B 154 -9.79 14.43 3.57
CA PHE B 154 -11.02 14.32 2.78
C PHE B 154 -12.06 15.28 3.33
N GLY B 155 -12.80 15.92 2.43
CA GLY B 155 -13.84 16.84 2.86
C GLY B 155 -14.23 17.79 1.74
N CYS B 156 -14.85 18.89 2.12
CA CYS B 156 -15.34 19.83 1.12
C CYS B 156 -15.37 21.24 1.68
N ARG B 157 -15.08 22.21 0.82
CA ARG B 157 -15.18 23.61 1.22
C ARG B 157 -16.64 23.93 1.49
N VAL B 158 -16.90 24.77 2.49
CA VAL B 158 -18.27 25.18 2.79
C VAL B 158 -18.44 26.68 2.61
N THR B 159 -19.68 27.08 2.46
CA THR B 159 -20.02 28.49 2.36
C THR B 159 -21.35 28.74 3.03
N SER B 160 -21.71 30.02 3.07
CA SER B 160 -22.93 30.63 3.61
C SER B 160 -22.77 31.08 5.05
N ILE C 4 -23.16 -12.95 -13.43
CA ILE C 4 -22.73 -12.53 -12.10
C ILE C 4 -21.96 -13.65 -11.39
N ARG C 5 -22.54 -14.85 -11.39
CA ARG C 5 -22.00 -15.97 -10.63
C ARG C 5 -20.86 -16.59 -11.41
N ARG C 6 -19.63 -16.48 -10.91
CA ARG C 6 -18.51 -17.00 -11.67
C ARG C 6 -18.16 -18.42 -11.32
N ILE D 4 23.78 9.58 11.26
CA ILE D 4 22.50 10.29 11.14
C ILE D 4 21.81 9.94 9.81
N ARG D 5 21.87 8.68 9.38
CA ARG D 5 21.35 8.24 8.08
C ARG D 5 20.07 7.42 8.27
N ARG D 6 18.97 7.90 7.71
CA ARG D 6 17.65 7.37 8.03
C ARG D 6 17.05 6.42 6.99
#